data_1CSI
#
_entry.id   1CSI
#
_cell.length_a   104.400
_cell.length_b   78.500
_cell.length_c   58.500
_cell.angle_alpha   90.00
_cell.angle_beta   78.90
_cell.angle_gamma   90.00
#
_symmetry.space_group_name_H-M   'C 1 2 1'
#
loop_
_entity.id
_entity.type
_entity.pdbx_description
1 polymer 'CITRATE SYNTHASE'
2 non-polymer 'OXALOACETATE ION'
3 non-polymer 'CARBOXYMETHYLDETHIA COENZYME *A'
4 water water
#
_entity_poly.entity_id   1
_entity_poly.type   'polypeptide(L)'
_entity_poly.pdbx_seq_one_letter_code
;STNLKDVLASLIPKEQARIKTFRQQHGNTAVGQITVDMSYGGMRGMKGLIYETSVLDPDEGIRFRGFSIPECQKLLPKAG
GGEEPLPEGLFWLLVTGQIPTPEQVSWVSKEWAKRAALPSHVVTMLDNFPTNLHPMSQLSAAITALNSESNFARAYAEGI
NRTKYWEFVYEDAMDLIAKLPCVAAKIYRNLYRAGSSIGAIDSKLDWSHNFTNMLGYTDPQFTELMRLYLTIHSDHEGGN
VSAHTSHLVGSALSDPYLSFAAAMNGLAGPLHGLANQEVLLWLSQLQKDLGADASDEKLRDYIWNTLNSGRVVPGYGHAV
LRKTDPRYTCQREFALKHLPSDPMFKLVAQLYKIVPNVLLEQGKAKNPWPNVDAHSGVLLQYYGMTEMNYYTVLFGVSRA
LGVLAQLIWSRALGFPLERPKSMSTAGLEKLSAGG
;
_entity_poly.pdbx_strand_id   A
#
# COMPACT_ATOMS: atom_id res chain seq x y z
N SER A 1 -16.12 0.19 -25.97
CA SER A 1 -16.43 1.61 -25.77
C SER A 1 -15.48 2.23 -24.75
N THR A 2 -15.40 1.67 -23.53
CA THR A 2 -14.47 2.18 -22.53
C THR A 2 -13.18 1.40 -22.76
N ASN A 3 -12.06 2.07 -22.69
CA ASN A 3 -10.77 1.42 -22.87
C ASN A 3 -9.75 2.34 -22.27
N LEU A 4 -9.24 2.08 -21.05
CA LEU A 4 -8.25 2.95 -20.38
C LEU A 4 -6.99 3.07 -21.21
N LYS A 5 -6.66 2.00 -21.90
CA LYS A 5 -5.46 2.08 -22.71
C LYS A 5 -5.55 3.18 -23.76
N ASP A 6 -6.74 3.41 -24.35
CA ASP A 6 -6.92 4.46 -25.35
C ASP A 6 -6.92 5.83 -24.73
N VAL A 7 -7.40 5.89 -23.50
CA VAL A 7 -7.44 7.16 -22.78
C VAL A 7 -6.02 7.56 -22.44
N LEU A 8 -5.23 6.58 -21.92
CA LEU A 8 -3.82 6.90 -21.65
C LEU A 8 -3.08 7.32 -22.93
N ALA A 9 -3.38 6.70 -24.11
CA ALA A 9 -2.74 7.04 -25.38
C ALA A 9 -2.83 8.52 -25.72
N SER A 10 -3.90 9.17 -25.29
CA SER A 10 -4.06 10.57 -25.56
C SER A 10 -3.39 11.44 -24.53
N LEU A 11 -3.45 10.99 -23.28
CA LEU A 11 -2.90 11.75 -22.15
C LEU A 11 -1.37 11.81 -22.18
N ILE A 12 -0.69 10.70 -22.51
CA ILE A 12 0.79 10.62 -22.53
C ILE A 12 1.56 11.74 -23.24
N PRO A 13 1.25 11.95 -24.51
CA PRO A 13 1.93 12.97 -25.29
C PRO A 13 1.76 14.35 -24.75
N LYS A 14 0.61 14.67 -24.18
CA LYS A 14 0.44 15.99 -23.64
C LYS A 14 1.29 16.17 -22.39
N GLU A 15 1.28 15.19 -21.50
CA GLU A 15 2.07 15.31 -20.29
C GLU A 15 3.54 15.36 -20.63
N GLN A 16 3.93 14.59 -21.63
CA GLN A 16 5.30 14.59 -22.03
C GLN A 16 5.78 15.99 -22.42
N ALA A 17 4.97 16.72 -23.18
CA ALA A 17 5.32 18.05 -23.65
C ALA A 17 5.37 19.09 -22.53
N ARG A 18 4.43 18.96 -21.63
CA ARG A 18 4.28 19.79 -20.48
C ARG A 18 5.50 19.73 -19.59
N ILE A 19 5.95 18.52 -19.38
CA ILE A 19 7.12 18.31 -18.55
C ILE A 19 8.37 18.77 -19.27
N LYS A 20 8.38 18.57 -20.58
CA LYS A 20 9.53 18.98 -21.40
C LYS A 20 9.81 20.49 -21.34
N THR A 21 8.75 21.24 -21.61
CA THR A 21 8.88 22.67 -21.54
C THR A 21 9.21 23.18 -20.13
N PHE A 22 8.67 22.57 -19.09
CA PHE A 22 8.91 23.03 -17.75
C PHE A 22 10.33 22.85 -17.37
N ARG A 23 10.87 21.75 -17.80
CA ARG A 23 12.24 21.43 -17.50
C ARG A 23 13.15 22.32 -18.32
N GLN A 24 12.63 22.80 -19.44
CA GLN A 24 13.39 23.66 -20.31
C GLN A 24 13.62 24.95 -19.54
N GLN A 25 12.56 25.47 -18.97
CA GLN A 25 12.62 26.67 -18.18
C GLN A 25 13.26 26.56 -16.80
N HIS A 26 12.92 25.50 -16.05
CA HIS A 26 13.38 25.34 -14.70
C HIS A 26 14.21 24.15 -14.29
N GLY A 27 14.75 23.42 -15.24
CA GLY A 27 15.52 22.26 -14.79
C GLY A 27 16.66 22.55 -13.83
N ASN A 28 17.21 23.74 -13.91
CA ASN A 28 18.32 24.07 -13.07
C ASN A 28 17.91 24.84 -11.84
N THR A 29 16.63 24.99 -11.68
CA THR A 29 16.17 25.69 -10.48
C THR A 29 16.35 24.81 -9.24
N ALA A 30 16.90 25.37 -8.18
CA ALA A 30 17.10 24.58 -6.97
C ALA A 30 15.85 24.52 -6.12
N VAL A 31 15.51 23.30 -5.67
CA VAL A 31 14.32 23.07 -4.88
C VAL A 31 14.63 22.80 -3.42
N GLY A 32 15.92 22.61 -3.11
CA GLY A 32 16.34 22.34 -1.74
C GLY A 32 17.80 22.06 -1.65
N GLN A 33 18.23 21.84 -0.42
CA GLN A 33 19.61 21.54 -0.18
C GLN A 33 19.77 20.22 0.54
N ILE A 34 20.96 19.71 0.49
CA ILE A 34 21.24 18.44 1.15
C ILE A 34 22.17 18.72 2.31
N THR A 35 21.85 18.21 3.52
CA THR A 35 22.77 18.44 4.65
C THR A 35 23.27 17.09 5.14
N VAL A 36 24.30 17.16 5.96
CA VAL A 36 24.90 15.97 6.52
C VAL A 36 23.87 15.10 7.24
N ASP A 37 23.05 15.75 8.05
CA ASP A 37 22.03 15.09 8.79
C ASP A 37 21.01 14.44 7.88
N MET A 38 20.73 14.98 6.70
CA MET A 38 19.79 14.30 5.87
C MET A 38 20.33 13.01 5.29
N SER A 39 21.64 12.97 5.02
CA SER A 39 22.28 11.80 4.45
C SER A 39 22.35 10.66 5.47
N TYR A 40 22.61 11.02 6.71
CA TYR A 40 22.73 10.04 7.77
C TYR A 40 21.35 9.62 8.22
N GLY A 41 20.42 10.53 7.96
CA GLY A 41 19.00 10.35 8.39
C GLY A 41 17.98 9.71 7.43
N GLY A 42 18.42 8.83 6.53
CA GLY A 42 17.45 8.18 5.62
C GLY A 42 16.70 9.15 4.69
N MET A 43 17.42 10.21 4.28
CA MET A 43 16.94 11.27 3.41
C MET A 43 15.75 12.00 3.98
N ARG A 44 15.65 11.97 5.31
CA ARG A 44 14.47 12.61 5.86
C ARG A 44 14.40 14.06 5.46
N GLY A 45 13.28 14.44 4.87
CA GLY A 45 13.20 15.83 4.46
C GLY A 45 13.78 16.05 3.05
N MET A 46 14.39 15.07 2.36
CA MET A 46 14.85 15.41 1.02
C MET A 46 13.80 15.27 -0.05
N LYS A 47 13.65 16.28 -0.91
CA LYS A 47 12.70 16.21 -2.01
C LYS A 47 13.45 15.41 -3.04
N GLY A 48 13.12 14.15 -3.21
CA GLY A 48 13.93 13.39 -4.13
C GLY A 48 13.30 12.69 -5.29
N LEU A 49 11.98 12.65 -5.41
CA LEU A 49 11.42 11.91 -6.52
C LEU A 49 10.20 12.57 -7.05
N ILE A 50 9.91 12.26 -8.32
CA ILE A 50 8.73 12.77 -8.94
C ILE A 50 7.82 11.58 -8.91
N TYR A 51 6.60 11.74 -8.40
CA TYR A 51 5.66 10.63 -8.30
C TYR A 51 4.34 11.30 -8.51
N GLU A 52 3.61 10.94 -9.54
CA GLU A 52 2.38 11.61 -9.87
C GLU A 52 1.05 11.31 -9.25
N THR A 53 0.86 10.05 -8.89
CA THR A 53 -0.40 9.57 -8.41
C THR A 53 -0.94 10.13 -7.11
N SER A 54 -0.09 10.43 -6.14
CA SER A 54 -0.60 10.98 -4.87
C SER A 54 0.55 11.77 -4.29
N VAL A 55 0.18 12.64 -3.41
CA VAL A 55 1.09 13.56 -2.73
C VAL A 55 0.65 13.68 -1.29
N LEU A 56 1.61 13.56 -0.40
CA LEU A 56 1.17 13.64 0.99
C LEU A 56 1.56 14.98 1.64
N ASP A 57 0.61 15.60 2.32
CA ASP A 57 0.88 16.82 3.02
C ASP A 57 1.15 16.42 4.50
N PRO A 58 2.20 16.90 5.17
CA PRO A 58 2.50 16.53 6.51
C PRO A 58 1.39 16.82 7.54
N ASP A 59 0.60 17.85 7.25
CA ASP A 59 -0.49 18.24 8.18
C ASP A 59 -1.85 17.71 7.79
N GLU A 60 -2.10 17.73 6.49
CA GLU A 60 -3.39 17.33 5.96
C GLU A 60 -3.48 15.87 5.55
N GLY A 61 -2.32 15.22 5.35
CA GLY A 61 -2.42 13.82 4.95
C GLY A 61 -2.47 13.64 3.43
N ILE A 62 -2.77 12.44 3.02
CA ILE A 62 -2.75 12.12 1.60
C ILE A 62 -3.82 12.69 0.67
N ARG A 63 -3.38 13.02 -0.54
CA ARG A 63 -4.25 13.47 -1.65
C ARG A 63 -3.97 12.61 -2.86
N PHE A 64 -5.01 12.05 -3.41
CA PHE A 64 -4.92 11.20 -4.56
C PHE A 64 -5.28 12.02 -5.76
N ARG A 65 -4.28 12.38 -6.56
CA ARG A 65 -4.55 13.22 -7.74
C ARG A 65 -5.29 14.48 -7.26
N GLY A 66 -4.94 14.99 -6.11
CA GLY A 66 -5.64 16.18 -5.64
C GLY A 66 -6.85 15.98 -4.74
N PHE A 67 -7.36 14.76 -4.58
CA PHE A 67 -8.50 14.56 -3.70
C PHE A 67 -8.19 13.88 -2.40
N SER A 68 -8.78 14.42 -1.36
CA SER A 68 -8.58 13.81 -0.08
C SER A 68 -9.52 12.63 0.04
N ILE A 69 -9.26 11.85 1.07
CA ILE A 69 -10.07 10.70 1.34
C ILE A 69 -11.56 11.01 1.42
N PRO A 70 -11.94 12.00 2.23
CA PRO A 70 -13.35 12.36 2.34
C PRO A 70 -13.97 12.67 0.98
N GLU A 71 -13.20 13.36 0.11
CA GLU A 71 -13.63 13.65 -1.24
C GLU A 71 -13.75 12.37 -2.01
N CYS A 72 -12.79 11.46 -1.90
CA CYS A 72 -12.97 10.19 -2.63
C CYS A 72 -14.25 9.45 -2.20
N GLN A 73 -14.46 9.40 -0.91
CA GLN A 73 -15.64 8.72 -0.38
C GLN A 73 -16.91 9.25 -0.99
N LYS A 74 -16.85 10.56 -1.12
CA LYS A 74 -17.99 11.23 -1.68
C LYS A 74 -18.11 11.10 -3.20
N LEU A 75 -16.99 11.26 -3.95
CA LEU A 75 -17.00 11.21 -5.39
C LEU A 75 -16.93 9.88 -6.11
N LEU A 76 -16.23 8.91 -5.54
CA LEU A 76 -16.09 7.65 -6.25
C LEU A 76 -17.32 6.78 -6.28
N PRO A 77 -17.52 6.05 -7.41
CA PRO A 77 -18.61 5.13 -7.58
C PRO A 77 -18.63 4.09 -6.47
N LYS A 78 -19.83 3.75 -5.99
CA LYS A 78 -19.98 2.78 -4.93
C LYS A 78 -20.62 1.54 -5.51
N ALA A 79 -20.66 0.48 -4.73
CA ALA A 79 -21.31 -0.73 -5.21
C ALA A 79 -22.83 -0.49 -5.16
N GLY A 80 -23.61 -1.25 -5.88
CA GLY A 80 -25.04 -1.02 -5.80
C GLY A 80 -25.50 -1.32 -4.39
N GLY A 81 -26.05 -0.28 -3.76
CA GLY A 81 -26.52 -0.39 -2.40
C GLY A 81 -25.40 -0.16 -1.41
N GLY A 82 -24.18 0.12 -1.92
CA GLY A 82 -23.02 0.33 -1.08
C GLY A 82 -22.83 1.79 -0.62
N GLU A 83 -21.93 1.91 0.33
CA GLU A 83 -21.54 3.17 0.90
C GLU A 83 -20.05 3.41 0.66
N GLU A 84 -19.21 2.36 0.62
CA GLU A 84 -17.74 2.51 0.41
C GLU A 84 -17.29 2.53 -1.02
N PRO A 85 -16.27 3.32 -1.33
CA PRO A 85 -15.78 3.46 -2.66
C PRO A 85 -15.19 2.17 -3.21
N LEU A 86 -15.37 1.96 -4.49
CA LEU A 86 -14.82 0.75 -5.06
C LEU A 86 -13.37 1.02 -5.44
N PRO A 87 -12.45 0.14 -5.07
CA PRO A 87 -11.09 0.42 -5.43
C PRO A 87 -10.86 0.57 -6.95
N GLU A 88 -11.72 -0.04 -7.80
CA GLU A 88 -11.55 0.07 -9.21
C GLU A 88 -11.56 1.52 -9.64
N GLY A 89 -12.44 2.29 -9.02
CA GLY A 89 -12.58 3.70 -9.36
C GLY A 89 -11.37 4.49 -8.89
N LEU A 90 -10.81 4.10 -7.74
CA LEU A 90 -9.67 4.78 -7.30
C LEU A 90 -8.53 4.53 -8.29
N PHE A 91 -8.44 3.29 -8.83
CA PHE A 91 -7.39 3.00 -9.78
C PHE A 91 -7.56 3.90 -11.00
N TRP A 92 -8.80 4.07 -11.47
CA TRP A 92 -9.02 4.94 -12.61
C TRP A 92 -8.53 6.36 -12.39
N LEU A 93 -8.88 6.88 -11.21
CA LEU A 93 -8.49 8.24 -10.86
C LEU A 93 -6.99 8.42 -10.80
N LEU A 94 -6.31 7.43 -10.21
CA LEU A 94 -4.87 7.55 -10.08
C LEU A 94 -4.19 7.55 -11.44
N VAL A 95 -4.66 6.65 -12.30
CA VAL A 95 -4.04 6.52 -13.59
C VAL A 95 -4.31 7.68 -14.51
N THR A 96 -5.56 8.13 -14.54
CA THR A 96 -5.98 9.23 -15.43
C THR A 96 -6.08 10.63 -14.82
N GLY A 97 -6.20 10.74 -13.49
CA GLY A 97 -6.32 12.04 -12.90
C GLY A 97 -7.77 12.47 -12.94
N GLN A 98 -8.62 11.63 -13.50
CA GLN A 98 -10.02 11.99 -13.55
C GLN A 98 -10.88 11.00 -12.82
N ILE A 99 -11.94 11.55 -12.23
CA ILE A 99 -12.94 10.74 -11.53
C ILE A 99 -13.73 9.95 -12.57
N PRO A 100 -13.85 8.67 -12.37
CA PRO A 100 -14.51 7.88 -13.38
C PRO A 100 -15.99 7.82 -13.22
N THR A 101 -16.64 7.37 -14.30
CA THR A 101 -18.07 7.17 -14.28
C THR A 101 -18.31 5.76 -13.76
N PRO A 102 -19.54 5.44 -13.41
CA PRO A 102 -19.77 4.10 -12.93
C PRO A 102 -19.61 3.13 -14.07
N GLU A 103 -19.84 3.62 -15.29
CA GLU A 103 -19.70 2.73 -16.45
C GLU A 103 -18.21 2.40 -16.62
N GLN A 104 -17.36 3.43 -16.38
CA GLN A 104 -15.94 3.20 -16.50
C GLN A 104 -15.46 2.25 -15.43
N VAL A 105 -16.07 2.38 -14.25
CA VAL A 105 -15.72 1.56 -13.13
C VAL A 105 -16.07 0.12 -13.41
N SER A 106 -17.27 -0.10 -13.93
CA SER A 106 -17.60 -1.49 -14.22
C SER A 106 -16.73 -2.13 -15.28
N TRP A 107 -16.15 -1.35 -16.17
CA TRP A 107 -15.31 -1.99 -17.16
C TRP A 107 -14.04 -2.48 -16.47
N VAL A 108 -13.55 -1.66 -15.53
CA VAL A 108 -12.32 -2.09 -14.82
C VAL A 108 -12.62 -3.42 -14.12
N SER A 109 -13.79 -3.48 -13.47
CA SER A 109 -14.15 -4.71 -12.77
C SER A 109 -14.20 -5.92 -13.70
N LYS A 110 -14.79 -5.72 -14.87
CA LYS A 110 -14.82 -6.86 -15.82
C LYS A 110 -13.42 -7.21 -16.34
N GLU A 111 -12.61 -6.21 -16.66
CA GLU A 111 -11.28 -6.41 -17.13
C GLU A 111 -10.52 -7.19 -16.12
N TRP A 112 -10.61 -6.77 -14.85
CA TRP A 112 -9.87 -7.53 -13.85
C TRP A 112 -10.44 -8.95 -13.68
N ALA A 113 -11.76 -9.19 -13.84
CA ALA A 113 -12.23 -10.54 -13.66
C ALA A 113 -11.75 -11.38 -14.81
N LYS A 114 -11.70 -10.76 -15.99
CA LYS A 114 -11.24 -11.46 -17.17
C LYS A 114 -9.79 -11.83 -17.13
N ARG A 115 -8.93 -11.08 -16.51
CA ARG A 115 -7.51 -11.44 -16.55
C ARG A 115 -6.97 -12.31 -15.42
N ALA A 116 -7.82 -12.69 -14.45
CA ALA A 116 -7.49 -13.48 -13.26
C ALA A 116 -7.40 -14.96 -13.53
N ALA A 117 -6.19 -15.43 -13.60
CA ALA A 117 -5.86 -16.82 -13.88
C ALA A 117 -4.43 -17.05 -13.45
N LEU A 118 -4.20 -18.09 -12.67
CA LEU A 118 -2.87 -18.44 -12.21
C LEU A 118 -2.33 -19.60 -12.99
N PRO A 119 -1.04 -19.55 -13.33
CA PRO A 119 -0.40 -20.64 -14.03
C PRO A 119 -0.12 -21.71 -13.00
N SER A 120 -0.08 -22.95 -13.46
CA SER A 120 0.13 -24.06 -12.52
C SER A 120 1.40 -24.10 -11.70
N HIS A 121 2.50 -23.66 -12.27
CA HIS A 121 3.72 -23.68 -11.51
C HIS A 121 3.55 -22.84 -10.26
N VAL A 122 2.77 -21.76 -10.34
CA VAL A 122 2.56 -20.94 -9.19
C VAL A 122 1.67 -21.65 -8.19
N VAL A 123 0.62 -22.25 -8.70
CA VAL A 123 -0.27 -22.96 -7.80
C VAL A 123 0.47 -24.05 -7.03
N THR A 124 1.29 -24.81 -7.74
CA THR A 124 2.04 -25.87 -7.12
C THR A 124 2.95 -25.37 -6.04
N MET A 125 3.66 -24.26 -6.32
CA MET A 125 4.58 -23.71 -5.34
C MET A 125 3.84 -23.36 -4.05
N LEU A 126 2.70 -22.68 -4.14
CA LEU A 126 1.94 -22.26 -3.00
C LEU A 126 1.50 -23.45 -2.17
N ASP A 127 0.96 -24.42 -2.87
CA ASP A 127 0.53 -25.65 -2.28
C ASP A 127 1.67 -26.40 -1.62
N ASN A 128 2.89 -26.22 -2.05
CA ASN A 128 3.98 -26.96 -1.37
C ASN A 128 4.70 -26.18 -0.26
N PHE A 129 4.33 -24.92 -0.06
CA PHE A 129 4.97 -24.11 0.96
C PHE A 129 4.64 -24.55 2.40
N PRO A 130 5.59 -24.51 3.31
CA PRO A 130 5.31 -24.92 4.67
C PRO A 130 4.46 -23.87 5.39
N THR A 131 3.72 -24.26 6.43
CA THR A 131 2.87 -23.34 7.18
C THR A 131 3.68 -22.38 8.05
N ASN A 132 4.95 -22.67 8.26
CA ASN A 132 5.73 -21.74 9.05
C ASN A 132 6.35 -20.65 8.18
N LEU A 133 6.11 -20.68 6.86
CA LEU A 133 6.68 -19.64 6.01
C LEU A 133 5.69 -18.48 6.06
N HIS A 134 6.11 -17.31 6.55
CA HIS A 134 5.22 -16.14 6.70
C HIS A 134 4.40 -15.83 5.43
N PRO A 135 3.12 -15.39 5.62
CA PRO A 135 2.31 -15.09 4.44
C PRO A 135 2.91 -14.06 3.47
N MET A 136 3.62 -13.04 3.94
CA MET A 136 4.22 -12.06 3.02
C MET A 136 5.31 -12.67 2.20
N SER A 137 6.05 -13.61 2.77
CA SER A 137 7.14 -14.28 2.04
C SER A 137 6.52 -15.18 1.01
N GLN A 138 5.38 -15.86 1.38
CA GLN A 138 4.77 -16.68 0.37
C GLN A 138 4.26 -15.79 -0.76
N LEU A 139 3.69 -14.62 -0.40
CA LEU A 139 3.17 -13.74 -1.44
C LEU A 139 4.28 -13.19 -2.35
N SER A 140 5.34 -12.69 -1.79
CA SER A 140 6.41 -12.16 -2.62
C SER A 140 7.02 -13.21 -3.55
N ALA A 141 7.30 -14.43 -3.05
CA ALA A 141 7.87 -15.49 -3.88
C ALA A 141 6.91 -15.88 -5.00
N ALA A 142 5.58 -15.90 -4.74
CA ALA A 142 4.65 -16.24 -5.83
C ALA A 142 4.63 -15.18 -6.92
N ILE A 143 4.70 -13.89 -6.54
CA ILE A 143 4.70 -12.83 -7.53
C ILE A 143 5.95 -12.84 -8.37
N THR A 144 7.05 -13.14 -7.71
CA THR A 144 8.34 -13.22 -8.39
C THR A 144 8.21 -14.36 -9.40
N ALA A 145 7.74 -15.53 -8.96
CA ALA A 145 7.55 -16.69 -9.85
C ALA A 145 6.56 -16.40 -11.01
N LEU A 146 5.66 -15.42 -10.88
CA LEU A 146 4.72 -15.14 -11.98
C LEU A 146 5.39 -14.38 -13.13
N ASN A 147 6.62 -13.94 -12.90
CA ASN A 147 7.26 -13.20 -13.95
C ASN A 147 7.49 -13.97 -15.24
N SER A 148 7.33 -15.29 -15.22
CA SER A 148 7.52 -16.08 -16.46
C SER A 148 6.43 -15.67 -17.47
N GLU A 149 5.38 -15.06 -16.97
CA GLU A 149 4.26 -14.63 -17.79
C GLU A 149 4.38 -13.19 -18.22
N SER A 150 5.42 -12.50 -17.80
CA SER A 150 5.52 -11.08 -18.14
C SER A 150 5.53 -10.74 -19.62
N ASN A 151 4.65 -9.78 -19.99
CA ASN A 151 4.60 -9.32 -21.37
C ASN A 151 5.67 -8.26 -21.57
N PHE A 152 5.98 -7.49 -20.53
CA PHE A 152 7.00 -6.47 -20.72
C PHE A 152 8.36 -7.17 -20.86
N ALA A 153 8.59 -8.18 -20.00
CA ALA A 153 9.85 -8.88 -20.06
C ALA A 153 10.04 -9.49 -21.44
N ARG A 154 8.97 -10.01 -21.99
CA ARG A 154 8.98 -10.66 -23.32
C ARG A 154 9.22 -9.65 -24.42
N ALA A 155 8.51 -8.55 -24.38
CA ALA A 155 8.71 -7.54 -25.38
C ALA A 155 10.09 -6.95 -25.35
N TYR A 156 10.61 -6.70 -24.13
CA TYR A 156 11.95 -6.15 -24.00
C TYR A 156 12.93 -7.11 -24.68
N ALA A 157 12.80 -8.39 -24.37
CA ALA A 157 13.68 -9.40 -24.97
C ALA A 157 13.61 -9.45 -26.50
N GLU A 158 12.46 -9.08 -27.04
CA GLU A 158 12.24 -9.02 -28.49
C GLU A 158 12.80 -7.72 -29.09
N GLY A 159 13.19 -6.79 -28.25
CA GLY A 159 13.77 -5.60 -28.75
C GLY A 159 12.89 -4.43 -29.02
N ILE A 160 11.78 -4.39 -28.37
CA ILE A 160 10.89 -3.27 -28.58
C ILE A 160 11.54 -1.90 -28.37
N ASN A 161 11.17 -0.94 -29.18
CA ASN A 161 11.67 0.39 -29.00
C ASN A 161 11.18 0.93 -27.63
N ARG A 162 12.05 1.66 -26.92
CA ARG A 162 11.74 2.25 -25.61
C ARG A 162 10.49 3.09 -25.56
N THR A 163 10.10 3.76 -26.66
CA THR A 163 8.85 4.57 -26.61
C THR A 163 7.61 3.70 -26.29
N LYS A 164 7.64 2.41 -26.54
CA LYS A 164 6.45 1.60 -26.29
C LYS A 164 6.43 0.84 -24.97
N TYR A 165 7.43 1.05 -24.13
CA TYR A 165 7.46 0.35 -22.87
C TYR A 165 6.17 0.47 -22.09
N TRP A 166 5.63 1.68 -21.99
CA TRP A 166 4.40 1.87 -21.23
C TRP A 166 3.26 0.93 -21.56
N GLU A 167 3.17 0.59 -22.85
CA GLU A 167 2.09 -0.26 -23.32
C GLU A 167 2.14 -1.63 -22.74
N PHE A 168 3.34 -2.16 -22.61
CA PHE A 168 3.51 -3.49 -22.03
C PHE A 168 3.45 -3.46 -20.52
N VAL A 169 3.89 -2.31 -19.97
CA VAL A 169 3.82 -2.18 -18.57
C VAL A 169 2.34 -2.18 -18.16
N TYR A 170 1.50 -1.49 -18.88
CA TYR A 170 0.09 -1.42 -18.61
C TYR A 170 -0.60 -2.81 -18.62
N GLU A 171 -0.21 -3.65 -19.57
CA GLU A 171 -0.80 -4.97 -19.65
C GLU A 171 -0.39 -5.81 -18.47
N ASP A 172 0.92 -5.85 -18.16
CA ASP A 172 1.34 -6.64 -16.99
C ASP A 172 0.70 -6.06 -15.73
N ALA A 173 0.54 -4.72 -15.67
CA ALA A 173 -0.10 -4.10 -14.47
C ALA A 173 -1.54 -4.58 -14.27
N MET A 174 -2.31 -4.52 -15.33
CA MET A 174 -3.68 -4.97 -15.27
C MET A 174 -3.79 -6.48 -14.94
N ASP A 175 -2.84 -7.28 -15.48
CA ASP A 175 -2.87 -8.68 -15.21
C ASP A 175 -2.44 -9.01 -13.80
N LEU A 176 -1.44 -8.31 -13.28
CA LEU A 176 -0.96 -8.58 -11.93
C LEU A 176 -2.07 -8.21 -10.92
N ILE A 177 -2.72 -7.05 -11.13
CA ILE A 177 -3.78 -6.63 -10.21
C ILE A 177 -4.90 -7.66 -10.20
N ALA A 178 -5.19 -8.22 -11.38
CA ALA A 178 -6.24 -9.20 -11.54
C ALA A 178 -5.87 -10.49 -10.80
N LYS A 179 -4.64 -10.85 -10.83
CA LYS A 179 -4.29 -12.08 -10.20
C LYS A 179 -4.01 -12.05 -8.72
N LEU A 180 -3.68 -10.86 -8.24
CA LEU A 180 -3.33 -10.72 -6.82
C LEU A 180 -4.35 -11.32 -5.81
N PRO A 181 -5.63 -11.07 -5.96
CA PRO A 181 -6.53 -11.64 -5.02
C PRO A 181 -6.54 -13.16 -5.09
N CYS A 182 -6.20 -13.74 -6.24
CA CYS A 182 -6.24 -15.22 -6.26
C CYS A 182 -5.01 -15.76 -5.54
N VAL A 183 -3.89 -15.08 -5.70
CA VAL A 183 -2.68 -15.53 -5.04
C VAL A 183 -2.92 -15.38 -3.54
N ALA A 184 -3.34 -14.18 -3.15
CA ALA A 184 -3.58 -13.92 -1.77
C ALA A 184 -4.58 -14.86 -1.11
N ALA A 185 -5.70 -15.15 -1.80
CA ALA A 185 -6.76 -16.02 -1.21
C ALA A 185 -6.26 -17.41 -1.12
N LYS A 186 -5.46 -17.81 -2.10
CA LYS A 186 -4.96 -19.15 -2.05
C LYS A 186 -4.02 -19.36 -0.82
N ILE A 187 -3.21 -18.37 -0.47
CA ILE A 187 -2.34 -18.52 0.69
C ILE A 187 -3.24 -18.57 1.95
N TYR A 188 -4.30 -17.78 1.97
CA TYR A 188 -5.21 -17.73 3.09
C TYR A 188 -5.82 -19.12 3.35
N ARG A 189 -6.40 -19.68 2.29
CA ARG A 189 -7.01 -21.00 2.37
C ARG A 189 -6.00 -22.11 2.73
N ASN A 190 -4.82 -22.13 2.10
CA ASN A 190 -3.85 -23.18 2.38
C ASN A 190 -3.42 -23.15 3.82
N LEU A 191 -3.29 -21.95 4.35
CA LEU A 191 -2.82 -21.83 5.70
C LEU A 191 -3.91 -21.99 6.72
N TYR A 192 -5.02 -21.32 6.52
CA TYR A 192 -6.01 -21.40 7.55
C TYR A 192 -7.27 -22.17 7.25
N ARG A 193 -7.45 -22.67 6.04
CA ARG A 193 -8.69 -23.42 5.77
C ARG A 193 -8.32 -24.64 4.94
N ALA A 194 -7.25 -25.32 5.39
CA ALA A 194 -6.71 -26.45 4.66
C ALA A 194 -7.73 -27.46 4.15
N GLY A 195 -7.66 -27.78 2.85
CA GLY A 195 -8.54 -28.74 2.19
C GLY A 195 -9.71 -28.13 1.44
N SER A 196 -9.85 -26.83 1.59
CA SER A 196 -10.90 -26.13 0.90
C SER A 196 -10.28 -25.51 -0.36
N SER A 197 -11.12 -24.91 -1.24
CA SER A 197 -10.78 -24.27 -2.56
C SER A 197 -11.20 -22.83 -2.66
N ILE A 198 -10.43 -21.97 -3.37
CA ILE A 198 -10.80 -20.55 -3.50
C ILE A 198 -12.01 -20.29 -4.35
N GLY A 199 -12.27 -21.26 -5.18
CA GLY A 199 -13.42 -21.10 -6.03
C GLY A 199 -13.09 -20.37 -7.34
N ALA A 200 -14.15 -19.85 -7.98
CA ALA A 200 -13.98 -19.16 -9.25
C ALA A 200 -14.42 -17.71 -9.23
N ILE A 201 -13.89 -16.96 -10.21
CA ILE A 201 -14.21 -15.56 -10.33
C ILE A 201 -15.54 -15.47 -11.02
N ASP A 202 -16.33 -14.53 -10.53
CA ASP A 202 -17.63 -14.24 -11.08
C ASP A 202 -17.39 -12.95 -11.81
N SER A 203 -17.47 -13.03 -13.12
CA SER A 203 -17.23 -11.86 -13.93
C SER A 203 -18.14 -10.69 -13.67
N LYS A 204 -19.22 -10.97 -12.95
CA LYS A 204 -20.23 -9.97 -12.63
C LYS A 204 -20.04 -9.21 -11.32
N LEU A 205 -19.02 -9.53 -10.55
CA LEU A 205 -18.82 -8.82 -9.30
C LEU A 205 -17.62 -7.92 -9.31
N ASP A 206 -17.60 -6.97 -8.36
CA ASP A 206 -16.49 -6.09 -8.19
C ASP A 206 -15.33 -6.90 -7.59
N TRP A 207 -14.15 -6.41 -7.81
CA TRP A 207 -12.91 -7.06 -7.38
C TRP A 207 -12.86 -7.37 -5.89
N SER A 208 -13.31 -6.44 -5.01
CA SER A 208 -13.31 -6.70 -3.57
C SER A 208 -14.25 -7.88 -3.20
N HIS A 209 -15.39 -7.93 -3.89
CA HIS A 209 -16.38 -8.97 -3.67
C HIS A 209 -15.85 -10.33 -4.13
N ASN A 210 -15.22 -10.38 -5.30
CA ASN A 210 -14.68 -11.70 -5.66
C ASN A 210 -13.59 -12.07 -4.64
N PHE A 211 -12.84 -11.09 -4.15
CA PHE A 211 -11.78 -11.37 -3.18
C PHE A 211 -12.35 -11.92 -1.90
N THR A 212 -13.38 -11.27 -1.34
CA THR A 212 -13.95 -11.76 -0.08
C THR A 212 -14.62 -13.12 -0.23
N ASN A 213 -15.19 -13.42 -1.38
CA ASN A 213 -15.77 -14.72 -1.63
C ASN A 213 -14.61 -15.76 -1.67
N MET A 214 -13.49 -15.42 -2.32
CA MET A 214 -12.40 -16.42 -2.33
C MET A 214 -11.83 -16.66 -0.92
N LEU A 215 -11.87 -15.64 -0.01
CA LEU A 215 -11.38 -15.69 1.40
C LEU A 215 -12.36 -16.50 2.22
N GLY A 216 -13.62 -16.59 1.79
CA GLY A 216 -14.64 -17.36 2.45
C GLY A 216 -15.53 -16.55 3.36
N TYR A 217 -15.66 -15.22 3.18
CA TYR A 217 -16.50 -14.44 4.10
C TYR A 217 -17.84 -14.08 3.49
N THR A 218 -18.89 -14.20 4.26
CA THR A 218 -20.20 -13.89 3.71
C THR A 218 -20.79 -12.56 4.14
N ASP A 219 -20.42 -12.09 5.33
CA ASP A 219 -20.97 -10.84 5.85
C ASP A 219 -20.84 -9.73 4.82
N PRO A 220 -21.98 -9.10 4.52
CA PRO A 220 -22.02 -8.04 3.55
C PRO A 220 -21.29 -6.81 4.04
N GLN A 221 -21.22 -6.63 5.36
CA GLN A 221 -20.49 -5.47 5.89
C GLN A 221 -19.00 -5.68 5.76
N PHE A 222 -18.63 -6.96 5.71
CA PHE A 222 -17.21 -7.30 5.57
C PHE A 222 -16.73 -6.88 4.17
N THR A 223 -17.62 -7.09 3.17
CA THR A 223 -17.36 -6.73 1.78
C THR A 223 -17.12 -5.21 1.69
N GLU A 224 -17.91 -4.43 2.43
CA GLU A 224 -17.83 -2.97 2.53
C GLU A 224 -16.49 -2.53 3.15
N LEU A 225 -16.09 -3.24 4.19
CA LEU A 225 -14.84 -2.98 4.87
C LEU A 225 -13.69 -3.18 3.89
N MET A 226 -13.78 -4.30 3.16
CA MET A 226 -12.78 -4.63 2.16
C MET A 226 -12.64 -3.55 1.10
N ARG A 227 -13.76 -3.03 0.58
CA ARG A 227 -13.74 -1.97 -0.41
C ARG A 227 -13.05 -0.75 0.14
N LEU A 228 -13.41 -0.39 1.36
CA LEU A 228 -12.74 0.80 1.95
C LEU A 228 -11.25 0.55 2.20
N TYR A 229 -10.96 -0.60 2.78
CA TYR A 229 -9.58 -0.99 3.10
C TYR A 229 -8.69 -0.93 1.88
N LEU A 230 -9.14 -1.62 0.82
CA LEU A 230 -8.38 -1.63 -0.38
C LEU A 230 -8.24 -0.26 -1.06
N THR A 231 -9.18 0.64 -0.83
CA THR A 231 -9.04 1.95 -1.44
C THR A 231 -8.04 2.80 -0.64
N ILE A 232 -8.18 2.75 0.67
CA ILE A 232 -7.33 3.63 1.45
C ILE A 232 -5.90 3.28 1.60
N HIS A 233 -5.63 1.99 1.38
CA HIS A 233 -4.23 1.56 1.53
C HIS A 233 -3.47 1.65 0.20
N SER A 234 -4.17 2.08 -0.83
CA SER A 234 -3.71 2.12 -2.20
C SER A 234 -2.39 2.78 -2.56
N ASP A 235 -2.14 3.98 -2.02
CA ASP A 235 -0.93 4.70 -2.37
C ASP A 235 -0.59 5.71 -1.31
N HIS A 236 0.68 6.08 -1.15
CA HIS A 236 0.94 7.08 -0.14
C HIS A 236 2.13 7.89 -0.57
N GLU A 237 1.98 8.46 -1.75
CA GLU A 237 3.03 9.26 -2.40
C GLU A 237 4.19 8.32 -2.71
N GLY A 238 5.32 8.77 -3.24
CA GLY A 238 6.40 7.88 -3.64
C GLY A 238 7.53 7.57 -2.74
N GLY A 239 7.74 8.25 -1.65
CA GLY A 239 8.91 7.95 -0.85
C GLY A 239 8.74 6.93 0.26
N ASN A 240 7.56 6.35 0.40
CA ASN A 240 7.35 5.32 1.38
C ASN A 240 8.15 4.13 0.87
N VAL A 241 8.59 3.25 1.75
CA VAL A 241 9.44 2.14 1.35
C VAL A 241 8.99 1.25 0.19
N SER A 242 7.75 0.79 0.26
CA SER A 242 7.23 -0.05 -0.77
C SER A 242 7.15 0.67 -2.08
N ALA A 243 6.54 1.85 -2.12
CA ALA A 243 6.48 2.55 -3.39
C ALA A 243 7.82 2.90 -3.93
N HIS A 244 8.71 3.46 -3.06
CA HIS A 244 10.04 3.82 -3.53
C HIS A 244 10.77 2.61 -4.10
N THR A 245 10.60 1.43 -3.44
CA THR A 245 11.24 0.18 -3.86
C THR A 245 10.71 -0.21 -5.24
N SER A 246 9.43 -0.12 -5.47
CA SER A 246 8.92 -0.49 -6.80
C SER A 246 9.47 0.41 -7.91
N HIS A 247 9.60 1.70 -7.53
CA HIS A 247 10.07 2.76 -8.40
C HIS A 247 11.49 2.54 -8.78
N LEU A 248 12.36 2.38 -7.80
CA LEU A 248 13.78 2.13 -7.99
C LEU A 248 14.01 0.87 -8.84
N VAL A 249 13.39 -0.25 -8.46
CA VAL A 249 13.53 -1.50 -9.17
C VAL A 249 13.00 -1.39 -10.60
N GLY A 250 11.85 -0.80 -10.76
CA GLY A 250 11.31 -0.71 -12.10
C GLY A 250 12.18 0.19 -12.96
N SER A 251 12.94 1.13 -12.34
CA SER A 251 13.79 2.07 -13.09
C SER A 251 14.88 1.36 -13.86
N ALA A 252 15.22 0.16 -13.43
CA ALA A 252 16.25 -0.67 -14.10
C ALA A 252 15.64 -1.51 -15.24
N LEU A 253 14.34 -1.32 -15.47
CA LEU A 253 13.62 -2.08 -16.49
C LEU A 253 13.22 -3.49 -16.09
N SER A 254 13.29 -3.82 -14.79
CA SER A 254 12.79 -5.05 -14.26
C SER A 254 11.29 -4.92 -14.51
N ASP A 255 10.63 -6.06 -14.77
CA ASP A 255 9.22 -6.09 -15.07
C ASP A 255 8.34 -5.77 -13.90
N PRO A 256 7.08 -5.46 -14.13
CA PRO A 256 6.22 -5.13 -13.00
C PRO A 256 6.07 -6.19 -11.92
N TYR A 257 6.19 -7.46 -12.31
CA TYR A 257 6.08 -8.55 -11.32
C TYR A 257 7.26 -8.51 -10.38
N LEU A 258 8.46 -8.42 -10.92
CA LEU A 258 9.69 -8.32 -10.11
C LEU A 258 9.68 -7.00 -9.29
N SER A 259 9.25 -5.88 -9.92
CA SER A 259 9.22 -4.63 -9.16
C SER A 259 8.23 -4.70 -7.98
N PHE A 260 7.05 -5.23 -8.19
CA PHE A 260 6.06 -5.37 -7.13
C PHE A 260 6.48 -6.33 -6.01
N ALA A 261 7.11 -7.46 -6.38
CA ALA A 261 7.56 -8.44 -5.38
C ALA A 261 8.63 -7.81 -4.48
N ALA A 262 9.56 -7.02 -5.06
CA ALA A 262 10.61 -6.37 -4.27
C ALA A 262 9.88 -5.40 -3.34
N ALA A 263 8.81 -4.71 -3.83
CA ALA A 263 8.11 -3.78 -2.96
C ALA A 263 7.51 -4.46 -1.75
N MET A 264 7.04 -5.65 -2.00
CA MET A 264 6.43 -6.42 -0.95
C MET A 264 7.47 -6.83 0.10
N ASN A 265 8.70 -7.06 -0.29
CA ASN A 265 9.65 -7.39 0.75
C ASN A 265 9.91 -6.16 1.63
N GLY A 266 9.70 -4.97 1.07
CA GLY A 266 9.88 -3.74 1.81
C GLY A 266 8.67 -3.53 2.73
N LEU A 267 7.43 -3.80 2.25
CA LEU A 267 6.18 -3.69 3.03
C LEU A 267 6.19 -4.64 4.23
N ALA A 268 6.94 -5.75 4.11
CA ALA A 268 7.01 -6.73 5.18
C ALA A 268 7.93 -6.32 6.30
N GLY A 269 8.49 -5.08 6.24
CA GLY A 269 9.36 -4.70 7.33
C GLY A 269 8.50 -4.17 8.49
N PRO A 270 8.90 -4.44 9.75
CA PRO A 270 8.18 -3.99 10.91
C PRO A 270 7.96 -2.47 10.99
N LEU A 271 8.87 -1.68 10.46
CA LEU A 271 8.75 -0.20 10.46
C LEU A 271 7.84 0.28 9.33
N HIS A 272 7.50 -0.62 8.40
CA HIS A 272 6.59 -0.29 7.31
C HIS A 272 5.24 -1.01 7.51
N GLY A 273 4.70 -1.67 6.52
CA GLY A 273 3.40 -2.31 6.61
C GLY A 273 3.22 -3.45 7.58
N LEU A 274 4.29 -4.15 7.95
CA LEU A 274 4.16 -5.21 8.91
C LEU A 274 3.63 -4.63 10.23
N ALA A 275 3.71 -3.30 10.44
CA ALA A 275 3.20 -2.71 11.69
C ALA A 275 1.75 -3.11 11.97
N ASN A 276 0.95 -3.34 10.89
CA ASN A 276 -0.45 -3.68 11.06
C ASN A 276 -0.67 -4.95 11.83
N GLN A 277 0.27 -5.88 11.64
CA GLN A 277 0.31 -7.18 12.28
C GLN A 277 0.83 -6.99 13.70
N GLU A 278 1.89 -6.21 13.81
CA GLU A 278 2.57 -5.93 15.08
C GLU A 278 1.67 -5.24 16.08
N VAL A 279 0.81 -4.38 15.55
CA VAL A 279 -0.15 -3.64 16.43
C VAL A 279 -1.01 -4.71 17.12
N LEU A 280 -1.56 -5.61 16.34
CA LEU A 280 -2.43 -6.66 16.91
C LEU A 280 -1.74 -7.58 17.90
N LEU A 281 -0.50 -7.94 17.60
CA LEU A 281 0.22 -8.79 18.48
C LEU A 281 0.53 -8.06 19.80
N TRP A 282 0.83 -6.73 19.75
CA TRP A 282 1.12 -5.92 20.92
C TRP A 282 -0.11 -5.78 21.79
N LEU A 283 -1.22 -5.57 21.10
CA LEU A 283 -2.50 -5.49 21.74
C LEU A 283 -2.88 -6.80 22.41
N SER A 284 -2.64 -7.93 21.78
CA SER A 284 -2.99 -9.24 22.37
C SER A 284 -2.18 -9.55 23.62
N GLN A 285 -0.94 -9.08 23.66
CA GLN A 285 -0.07 -9.31 24.80
C GLN A 285 -0.51 -8.34 25.89
N LEU A 286 -1.09 -7.22 25.45
CA LEU A 286 -1.57 -6.20 26.35
C LEU A 286 -2.66 -6.80 27.20
N GLN A 287 -3.72 -7.17 26.50
CA GLN A 287 -4.91 -7.77 27.05
C GLN A 287 -4.61 -9.04 27.80
N LYS A 288 -3.46 -9.60 27.50
CA LYS A 288 -3.13 -10.82 28.17
C LYS A 288 -2.46 -10.55 29.50
N ASP A 289 -1.58 -9.55 29.47
CA ASP A 289 -0.85 -9.14 30.65
C ASP A 289 -1.81 -8.47 31.61
N LEU A 290 -2.45 -7.41 31.11
CA LEU A 290 -3.37 -6.62 31.89
C LEU A 290 -4.82 -7.09 31.92
N GLY A 291 -5.22 -7.89 30.95
CA GLY A 291 -6.58 -8.37 30.89
C GLY A 291 -7.65 -7.32 30.55
N ALA A 292 -8.34 -7.54 29.41
CA ALA A 292 -9.44 -6.79 28.78
C ALA A 292 -9.76 -5.33 29.16
N ASP A 293 -10.22 -5.08 30.40
CA ASP A 293 -10.52 -3.72 30.79
C ASP A 293 -9.43 -3.13 31.71
N ALA A 294 -8.49 -2.39 31.10
CA ALA A 294 -7.38 -1.80 31.83
C ALA A 294 -7.59 -0.34 32.26
N SER A 295 -6.86 0.08 33.28
CA SER A 295 -6.94 1.46 33.72
C SER A 295 -5.89 2.26 32.96
N ASP A 296 -6.09 3.55 32.93
CA ASP A 296 -5.14 4.38 32.23
C ASP A 296 -3.72 4.24 32.76
N GLU A 297 -3.57 4.24 34.07
CA GLU A 297 -2.26 4.12 34.67
C GLU A 297 -1.60 2.83 34.24
N LYS A 298 -2.40 1.76 34.13
CA LYS A 298 -1.85 0.50 33.72
C LYS A 298 -1.39 0.44 32.26
N LEU A 299 -2.11 1.13 31.37
CA LEU A 299 -1.78 1.21 29.97
C LEU A 299 -0.49 2.00 29.88
N ARG A 300 -0.38 3.08 30.66
CA ARG A 300 0.86 3.86 30.57
C ARG A 300 2.10 3.03 30.94
N ASP A 301 1.97 2.25 31.99
CA ASP A 301 3.08 1.43 32.46
C ASP A 301 3.46 0.46 31.36
N TYR A 302 2.43 -0.14 30.77
CA TYR A 302 2.65 -1.11 29.69
C TYR A 302 3.43 -0.44 28.53
N ILE A 303 3.02 0.78 28.17
CA ILE A 303 3.66 1.53 27.09
C ILE A 303 5.10 1.87 27.43
N TRP A 304 5.28 2.34 28.68
CA TRP A 304 6.65 2.66 29.10
C TRP A 304 7.54 1.45 29.09
N ASN A 305 7.02 0.31 29.49
CA ASN A 305 7.89 -0.88 29.47
C ASN A 305 8.45 -1.18 28.04
N THR A 306 7.60 -1.02 27.00
CA THR A 306 7.98 -1.23 25.60
C THR A 306 9.05 -0.23 25.29
N LEU A 307 8.78 1.06 25.61
CA LEU A 307 9.82 2.02 25.30
C LEU A 307 11.15 1.77 26.00
N ASN A 308 11.03 1.36 27.26
CA ASN A 308 12.24 1.15 28.00
C ASN A 308 13.07 -0.03 27.58
N SER A 309 12.47 -0.97 26.85
CA SER A 309 13.10 -2.18 26.38
C SER A 309 13.75 -2.05 25.03
N GLY A 310 13.84 -0.82 24.52
CA GLY A 310 14.45 -0.60 23.23
C GLY A 310 13.61 -1.02 22.01
N ARG A 311 12.27 -0.93 22.16
CA ARG A 311 11.31 -1.26 21.11
C ARG A 311 10.41 -0.06 20.71
N VAL A 312 9.74 -0.13 19.56
CA VAL A 312 8.83 0.96 19.20
C VAL A 312 7.42 0.57 19.60
N VAL A 313 6.54 1.58 19.70
CA VAL A 313 5.13 1.30 20.02
C VAL A 313 4.57 1.26 18.56
N PRO A 314 4.05 0.11 18.11
CA PRO A 314 3.58 0.00 16.72
C PRO A 314 2.32 0.85 16.42
N GLY A 315 2.22 1.40 15.20
CA GLY A 315 1.03 2.13 14.90
C GLY A 315 1.02 3.60 15.20
N TYR A 316 2.12 4.08 15.77
CA TYR A 316 2.29 5.50 16.11
C TYR A 316 3.53 6.07 15.42
N GLY A 317 3.48 7.36 15.06
CA GLY A 317 4.61 7.97 14.42
C GLY A 317 4.55 7.92 12.89
N HIS A 318 5.39 8.74 12.25
CA HIS A 318 5.38 8.76 10.80
C HIS A 318 6.58 9.48 10.28
N ALA A 319 7.08 9.12 9.12
CA ALA A 319 8.22 9.85 8.65
C ALA A 319 7.84 11.21 8.11
N VAL A 320 6.61 11.43 7.64
CA VAL A 320 6.29 12.73 7.09
C VAL A 320 5.11 13.37 7.76
N LEU A 321 4.11 12.55 8.01
CA LEU A 321 2.92 13.10 8.68
C LEU A 321 3.31 13.66 10.04
N ARG A 322 2.66 14.74 10.45
CA ARG A 322 2.92 15.42 11.73
C ARG A 322 1.66 15.58 12.57
N LYS A 323 0.57 15.02 12.09
CA LYS A 323 -0.71 15.03 12.70
C LYS A 323 -1.33 13.67 12.50
N THR A 324 -2.45 13.40 13.15
CA THR A 324 -3.14 12.12 13.04
C THR A 324 -3.49 11.81 11.58
N ASP A 325 -3.09 10.59 11.17
CA ASP A 325 -3.34 10.12 9.83
C ASP A 325 -4.87 10.07 9.52
N PRO A 326 -5.34 10.75 8.46
CA PRO A 326 -6.73 10.74 8.04
C PRO A 326 -7.17 9.31 7.75
N ARG A 327 -6.23 8.41 7.47
CA ARG A 327 -6.55 7.03 7.21
C ARG A 327 -6.94 6.39 8.52
N TYR A 328 -6.37 6.86 9.64
CA TYR A 328 -6.74 6.29 10.96
C TYR A 328 -8.14 6.83 11.27
N THR A 329 -8.32 8.13 11.06
CA THR A 329 -9.62 8.72 11.33
C THR A 329 -10.73 8.09 10.52
N CYS A 330 -10.44 7.83 9.26
CA CYS A 330 -11.42 7.21 8.39
C CYS A 330 -11.82 5.79 8.87
N GLN A 331 -10.89 5.10 9.50
CA GLN A 331 -11.16 3.78 10.04
C GLN A 331 -11.97 3.94 11.32
N ARG A 332 -11.58 4.88 12.17
CA ARG A 332 -12.31 5.13 13.42
C ARG A 332 -13.77 5.40 13.11
N GLU A 333 -14.01 6.21 12.09
CA GLU A 333 -15.39 6.48 11.74
C GLU A 333 -16.17 5.25 11.30
N PHE A 334 -15.51 4.30 10.60
CA PHE A 334 -16.16 3.10 10.21
C PHE A 334 -16.49 2.28 11.45
N ALA A 335 -15.56 2.23 12.40
CA ALA A 335 -15.76 1.51 13.65
C ALA A 335 -16.93 2.07 14.44
N LEU A 336 -16.96 3.37 14.60
CA LEU A 336 -18.04 4.01 15.33
C LEU A 336 -19.38 3.71 14.71
N LYS A 337 -19.41 3.51 13.38
CA LYS A 337 -20.67 3.23 12.70
C LYS A 337 -21.10 1.79 12.84
N HIS A 338 -20.14 0.89 12.68
CA HIS A 338 -20.36 -0.57 12.68
C HIS A 338 -20.00 -1.46 13.83
N LEU A 339 -19.05 -1.09 14.65
CA LEU A 339 -18.67 -1.96 15.74
C LEU A 339 -18.28 -1.17 16.98
N PRO A 340 -19.08 -0.15 17.27
CA PRO A 340 -18.83 0.73 18.38
C PRO A 340 -18.60 0.13 19.76
N SER A 341 -19.14 -1.06 19.99
CA SER A 341 -18.96 -1.65 21.31
C SER A 341 -17.96 -2.79 21.37
N ASP A 342 -17.17 -2.96 20.34
CA ASP A 342 -16.20 -4.03 20.38
C ASP A 342 -15.12 -3.61 21.38
N PRO A 343 -14.74 -4.54 22.24
CA PRO A 343 -13.78 -4.31 23.29
C PRO A 343 -12.39 -4.00 22.78
N MET A 344 -12.05 -4.55 21.61
CA MET A 344 -10.74 -4.26 21.10
C MET A 344 -10.73 -2.85 20.51
N PHE A 345 -11.86 -2.54 19.86
CA PHE A 345 -11.99 -1.23 19.27
C PHE A 345 -11.87 -0.25 20.45
N LYS A 346 -12.61 -0.54 21.51
CA LYS A 346 -12.58 0.34 22.70
C LYS A 346 -11.19 0.53 23.26
N LEU A 347 -10.39 -0.51 23.25
CA LEU A 347 -8.99 -0.47 23.68
C LEU A 347 -8.18 0.46 22.75
N VAL A 348 -8.36 0.26 21.42
CA VAL A 348 -7.68 1.12 20.45
C VAL A 348 -8.08 2.60 20.70
N ALA A 349 -9.37 2.82 21.00
CA ALA A 349 -9.82 4.18 21.26
C ALA A 349 -9.14 4.73 22.50
N GLN A 350 -9.05 3.90 23.51
CA GLN A 350 -8.42 4.36 24.75
C GLN A 350 -6.94 4.65 24.54
N LEU A 351 -6.26 3.82 23.73
CA LEU A 351 -4.85 4.14 23.56
C LEU A 351 -4.64 5.49 22.88
N TYR A 352 -5.64 5.92 22.04
CA TYR A 352 -5.55 7.20 21.33
C TYR A 352 -5.41 8.33 22.37
N LYS A 353 -6.04 8.13 23.52
CA LYS A 353 -5.94 9.12 24.55
C LYS A 353 -4.66 9.06 25.35
N ILE A 354 -3.99 7.93 25.29
CA ILE A 354 -2.78 7.71 26.07
C ILE A 354 -1.47 7.76 25.38
N VAL A 355 -1.33 6.94 24.35
CA VAL A 355 -0.09 6.85 23.64
C VAL A 355 0.59 8.15 23.21
N PRO A 356 -0.16 9.02 22.56
CA PRO A 356 0.49 10.24 22.12
C PRO A 356 1.13 11.03 23.25
N ASN A 357 0.43 11.06 24.37
CA ASN A 357 0.95 11.76 25.54
C ASN A 357 2.21 11.08 26.07
N VAL A 358 2.23 9.75 26.10
CA VAL A 358 3.45 9.14 26.55
C VAL A 358 4.59 9.45 25.56
N LEU A 359 4.35 9.31 24.26
CA LEU A 359 5.40 9.59 23.32
C LEU A 359 5.95 11.01 23.41
N LEU A 360 5.06 11.92 23.68
CA LEU A 360 5.42 13.31 23.80
C LEU A 360 6.32 13.40 25.02
N GLU A 361 5.88 12.80 26.10
CA GLU A 361 6.64 12.83 27.31
C GLU A 361 8.02 12.24 27.12
N GLN A 362 8.10 11.14 26.37
CA GLN A 362 9.39 10.55 26.13
C GLN A 362 10.24 11.49 25.32
N GLY A 363 9.63 12.36 24.51
CA GLY A 363 10.39 13.33 23.70
C GLY A 363 11.29 12.82 22.55
N LYS A 364 11.00 11.68 21.94
CA LYS A 364 11.86 11.26 20.86
C LYS A 364 11.10 11.32 19.52
N ALA A 365 9.90 10.75 19.51
CA ALA A 365 9.13 10.72 18.28
C ALA A 365 8.86 12.12 17.76
N LYS A 366 8.97 12.37 16.48
CA LYS A 366 8.65 13.69 15.98
C LYS A 366 7.12 13.83 15.83
N ASN A 367 6.44 12.73 15.54
CA ASN A 367 4.99 12.65 15.36
C ASN A 367 4.47 11.67 16.40
N PRO A 368 3.76 12.14 17.41
CA PRO A 368 3.28 11.22 18.46
C PRO A 368 1.87 10.65 18.14
N TRP A 369 1.34 10.97 16.98
CA TRP A 369 0.02 10.57 16.54
C TRP A 369 -0.02 9.22 15.81
N PRO A 370 -1.21 8.61 15.82
CA PRO A 370 -1.39 7.32 15.21
C PRO A 370 -1.36 7.41 13.68
N ASN A 371 -0.96 6.28 13.10
CA ASN A 371 -0.88 6.10 11.68
C ASN A 371 -1.87 5.02 11.34
N VAL A 372 -2.12 4.81 10.04
CA VAL A 372 -3.10 3.84 9.54
C VAL A 372 -3.06 2.46 10.20
N ASP A 373 -1.89 1.96 10.50
CA ASP A 373 -1.76 0.62 11.05
C ASP A 373 -2.29 0.48 12.43
N ALA A 374 -2.39 1.62 13.14
CA ALA A 374 -2.93 1.48 14.50
C ALA A 374 -4.39 1.09 14.49
N HIS A 375 -5.17 1.28 13.39
CA HIS A 375 -6.61 0.99 13.42
C HIS A 375 -7.15 -0.07 12.45
N SER A 376 -6.30 -0.66 11.61
CA SER A 376 -6.70 -1.63 10.60
C SER A 376 -7.09 -3.03 11.06
N GLY A 377 -6.23 -3.72 11.78
CA GLY A 377 -6.56 -5.06 12.23
C GLY A 377 -7.73 -5.20 13.15
N VAL A 378 -8.03 -4.17 13.89
CA VAL A 378 -9.14 -4.17 14.84
C VAL A 378 -10.42 -4.41 14.10
N LEU A 379 -10.51 -3.79 12.95
CA LEU A 379 -11.65 -3.93 12.09
C LEU A 379 -11.74 -5.35 11.58
N LEU A 380 -10.62 -5.84 11.09
CA LEU A 380 -10.54 -7.21 10.53
C LEU A 380 -10.96 -8.28 11.51
N GLN A 381 -10.39 -8.22 12.72
CA GLN A 381 -10.67 -9.11 13.84
C GLN A 381 -12.18 -9.17 14.13
N TYR A 382 -12.86 -8.05 14.13
CA TYR A 382 -14.28 -8.05 14.46
C TYR A 382 -15.12 -8.90 13.55
N TYR A 383 -14.71 -9.02 12.28
CA TYR A 383 -15.43 -9.76 11.28
C TYR A 383 -15.02 -11.20 11.21
N GLY A 384 -14.13 -11.63 12.09
CA GLY A 384 -13.72 -13.02 12.09
C GLY A 384 -12.32 -13.31 11.52
N MET A 385 -11.69 -12.31 10.93
CA MET A 385 -10.34 -12.49 10.38
C MET A 385 -9.35 -12.21 11.46
N THR A 386 -9.08 -13.27 12.19
CA THR A 386 -8.20 -13.19 13.34
C THR A 386 -6.78 -13.61 13.06
N GLU A 387 -6.49 -13.93 11.82
CA GLU A 387 -5.12 -14.37 11.56
C GLU A 387 -4.24 -13.15 11.35
N MET A 388 -3.68 -12.61 12.46
CA MET A 388 -2.85 -11.40 12.37
C MET A 388 -1.61 -11.42 11.50
N ASN A 389 -0.97 -12.57 11.29
CA ASN A 389 0.20 -12.68 10.45
C ASN A 389 -0.19 -12.50 8.99
N TYR A 390 -1.48 -12.49 8.70
CA TYR A 390 -1.89 -12.36 7.32
C TYR A 390 -2.27 -10.92 6.94
N TYR A 391 -2.43 -10.02 7.92
CA TYR A 391 -2.91 -8.65 7.65
C TYR A 391 -2.13 -7.82 6.62
N THR A 392 -0.82 -8.01 6.65
CA THR A 392 0.03 -7.28 5.72
C THR A 392 -0.22 -7.64 4.24
N VAL A 393 -0.67 -8.87 4.02
CA VAL A 393 -0.97 -9.31 2.65
C VAL A 393 -2.07 -8.44 2.08
N LEU A 394 -3.08 -8.13 2.92
CA LEU A 394 -4.15 -7.29 2.44
C LEU A 394 -3.62 -5.91 2.10
N PHE A 395 -2.66 -5.42 2.88
CA PHE A 395 -2.12 -4.12 2.55
C PHE A 395 -1.37 -4.21 1.25
N GLY A 396 -0.72 -5.34 1.05
CA GLY A 396 0.04 -5.63 -0.17
C GLY A 396 -0.87 -5.55 -1.39
N VAL A 397 -2.00 -6.27 -1.34
CA VAL A 397 -2.99 -6.28 -2.43
C VAL A 397 -3.44 -4.84 -2.74
N SER A 398 -3.72 -4.03 -1.72
CA SER A 398 -4.16 -2.63 -1.92
C SER A 398 -3.11 -1.77 -2.62
N ARG A 399 -1.88 -1.86 -2.10
CA ARG A 399 -0.74 -1.11 -2.55
C ARG A 399 -0.38 -1.33 -4.00
N ALA A 400 -0.74 -2.47 -4.53
CA ALA A 400 -0.48 -2.73 -5.97
C ALA A 400 -1.14 -1.62 -6.82
N LEU A 401 -2.32 -1.16 -6.41
CA LEU A 401 -3.02 -0.14 -7.17
C LEU A 401 -2.25 1.14 -7.37
N GLY A 402 -1.63 1.64 -6.32
CA GLY A 402 -0.95 2.88 -6.48
C GLY A 402 0.38 2.71 -7.10
N VAL A 403 1.11 1.72 -6.70
CA VAL A 403 2.39 1.63 -7.30
C VAL A 403 2.43 1.25 -8.75
N LEU A 404 1.42 0.44 -9.17
CA LEU A 404 1.36 0.01 -10.53
C LEU A 404 0.86 1.15 -11.39
N ALA A 405 -0.02 1.98 -10.84
CA ALA A 405 -0.55 3.13 -11.55
C ALA A 405 0.63 4.03 -11.93
N GLN A 406 1.49 4.28 -10.93
CA GLN A 406 2.63 5.12 -11.18
C GLN A 406 3.66 4.50 -12.11
N LEU A 407 3.90 3.24 -11.98
CA LEU A 407 4.87 2.56 -12.83
C LEU A 407 4.56 2.78 -14.30
N ILE A 408 3.29 2.78 -14.69
CA ILE A 408 2.94 2.98 -16.10
C ILE A 408 3.45 4.36 -16.52
N TRP A 409 3.14 5.36 -15.69
CA TRP A 409 3.56 6.71 -15.92
C TRP A 409 5.07 6.87 -15.93
N SER A 410 5.80 6.16 -15.08
CA SER A 410 7.25 6.34 -15.09
C SER A 410 7.83 5.97 -16.45
N ARG A 411 7.30 4.87 -16.99
CA ARG A 411 7.82 4.42 -18.28
C ARG A 411 7.26 5.31 -19.39
N ALA A 412 6.02 5.81 -19.28
CA ALA A 412 5.44 6.65 -20.31
C ALA A 412 6.27 7.90 -20.46
N LEU A 413 6.66 8.46 -19.32
CA LEU A 413 7.44 9.65 -19.23
C LEU A 413 8.92 9.43 -19.43
N GLY A 414 9.35 8.19 -19.57
CA GLY A 414 10.77 8.01 -19.79
C GLY A 414 11.65 8.31 -18.60
N PHE A 415 11.23 8.07 -17.34
CA PHE A 415 12.12 8.34 -16.18
C PHE A 415 13.33 7.42 -16.29
N PRO A 416 14.54 7.88 -16.04
CA PRO A 416 15.71 7.01 -16.16
C PRO A 416 16.00 6.25 -14.88
N LEU A 417 17.09 5.52 -14.96
CA LEU A 417 17.60 4.73 -13.83
C LEU A 417 17.72 5.62 -12.59
N GLU A 418 17.21 5.13 -11.42
CA GLU A 418 17.35 5.86 -10.16
C GLU A 418 18.72 5.45 -9.67
N ARG A 419 19.65 6.41 -9.57
CA ARG A 419 21.00 6.18 -9.16
C ARG A 419 21.68 7.43 -8.54
N PRO A 420 21.47 7.61 -7.24
CA PRO A 420 22.07 8.73 -6.52
C PRO A 420 23.51 8.38 -6.22
N LYS A 421 24.26 9.34 -5.72
CA LYS A 421 25.64 9.09 -5.36
C LYS A 421 25.71 8.75 -3.87
N SER A 422 26.59 7.85 -3.46
CA SER A 422 26.69 7.55 -2.03
C SER A 422 28.03 8.14 -1.60
N MET A 423 28.20 8.14 -0.28
CA MET A 423 29.41 8.66 0.33
C MET A 423 29.71 7.85 1.58
N SER A 424 30.98 7.80 1.95
CA SER A 424 31.41 7.09 3.16
C SER A 424 31.52 8.13 4.25
N THR A 425 31.58 7.73 5.53
CA THR A 425 31.75 8.77 6.54
C THR A 425 33.08 9.52 6.38
N ALA A 426 34.13 8.75 6.07
CA ALA A 426 35.47 9.23 5.84
C ALA A 426 35.50 10.19 4.69
N GLY A 427 34.92 9.81 3.57
CA GLY A 427 34.89 10.70 2.45
C GLY A 427 34.15 11.99 2.77
N LEU A 428 33.02 11.89 3.46
CA LEU A 428 32.23 13.06 3.81
C LEU A 428 32.95 14.03 4.80
N GLU A 429 33.67 13.45 5.78
CA GLU A 429 34.40 14.21 6.74
C GLU A 429 35.40 15.03 5.95
N LYS A 430 36.09 14.39 5.01
CA LYS A 430 37.05 15.12 4.20
C LYS A 430 36.41 16.21 3.36
N LEU A 431 35.27 15.91 2.78
CA LEU A 431 34.59 16.93 1.98
C LEU A 431 34.34 18.23 2.77
N SER A 432 34.20 18.07 4.08
CA SER A 432 33.92 19.20 4.92
C SER A 432 35.10 19.68 5.74
N ALA A 433 35.82 18.76 6.38
CA ALA A 433 36.95 18.96 7.27
C ALA A 433 36.97 17.83 8.31
N GLY A 434 35.81 17.52 8.86
CA GLY A 434 35.70 16.47 9.83
C GLY A 434 35.06 16.95 11.10
N GLY A 435 34.93 16.09 12.09
CA GLY A 435 34.32 16.53 13.33
C GLY A 435 34.58 15.47 14.36
#